data_4LCB
#
_entry.id   4LCB
#
_cell.length_a   95.962
_cell.length_b   95.962
_cell.length_c   79.499
_cell.angle_alpha   90.000
_cell.angle_beta   90.000
_cell.angle_gamma   120.000
#
_symmetry.space_group_name_H-M   'P 65'
#
loop_
_entity.id
_entity.type
_entity.pdbx_description
1 polymer 'Cell division protein CdvC, Vps4'
2 non-polymer 'CHLORIDE ION'
3 water water
#
_entity_poly.entity_id   1
_entity_poly.type   'polypeptide(L)'
_entity_poly.pdbx_seq_one_letter_code
;GPMLEEMARKYAIAAVRADKEGNRDEAITYYKKAIDVLTQIVVLYPDSPTRQAYEQMIDEYKKRVSVLENMLPETPQEDN
SQKTDDELIMKEKPKVSFSDIVGLDDVKEALKEAIIYPSKRPDLFPLGWPRGILLYGPPGNGKTMLAAAVANEIDSYFIH
VDAASIMSKWLGEAEKNVAKIFNTAREYSKKDNKPAIIFVDEIDALLGTYTSEVGGEVRVRNQFLKEMDGIMDKNENYMV
YVIGATNKPWRLDEPFLRRFQKRIYVPLPDFNQRLALFKYYTSKVKLGNVDLQELAKMTEGYSASDIRDIVQSAHMRVVK
EMFEKNLSEPREITMDDFKEVLKIRKPSVNQELLKAYEAWTEKFKAL
;
_entity_poly.pdbx_strand_id   A
#
# COMPACT_ATOMS: atom_id res chain seq x y z
N LYS A 95 9.09 -5.23 -8.95
CA LYS A 95 10.47 -5.44 -8.39
C LYS A 95 10.46 -6.15 -7.04
N VAL A 96 9.91 -5.44 -6.07
CA VAL A 96 9.98 -5.76 -4.65
C VAL A 96 9.54 -7.19 -4.31
N SER A 97 10.19 -7.77 -3.30
CA SER A 97 9.73 -9.04 -2.74
C SER A 97 9.53 -8.86 -1.22
N PHE A 98 8.98 -9.86 -0.55
CA PHE A 98 8.78 -9.78 0.91
C PHE A 98 10.09 -9.51 1.64
N SER A 99 11.19 -10.08 1.13
CA SER A 99 12.49 -10.00 1.78
C SER A 99 13.09 -8.58 1.70
N ASP A 100 12.57 -7.75 0.79
CA ASP A 100 12.91 -6.32 0.71
C ASP A 100 12.10 -5.48 1.73
N ILE A 101 11.10 -6.09 2.36
CA ILE A 101 10.19 -5.34 3.20
C ILE A 101 10.41 -5.61 4.68
N VAL A 102 10.78 -4.56 5.41
CA VAL A 102 11.08 -4.67 6.83
C VAL A 102 9.78 -4.75 7.60
N GLY A 103 9.75 -5.57 8.65
CA GLY A 103 8.60 -5.62 9.57
C GLY A 103 7.35 -6.16 8.85
N LEU A 104 6.17 -5.77 9.33
CA LEU A 104 4.89 -6.16 8.77
C LEU A 104 4.70 -7.67 8.79
N ASP A 105 5.19 -8.32 9.84
CA ASP A 105 5.20 -9.78 9.91
C ASP A 105 3.81 -10.35 9.95
N ASP A 106 2.91 -9.70 10.67
CA ASP A 106 1.51 -10.12 10.70
C ASP A 106 0.76 -9.89 9.36
N VAL A 107 1.11 -8.80 8.67
CA VAL A 107 0.54 -8.53 7.36
C VAL A 107 1.06 -9.56 6.34
N LYS A 108 2.38 -9.81 6.35
CA LYS A 108 2.97 -10.86 5.55
C LYS A 108 2.32 -12.24 5.77
N GLU A 109 2.11 -12.63 7.03
CA GLU A 109 1.52 -13.94 7.35
C GLU A 109 0.11 -14.03 6.82
N ALA A 110 -0.65 -12.95 6.95
CA ALA A 110 -2.02 -12.96 6.47
C ALA A 110 -2.07 -13.00 4.94
N LEU A 111 -1.08 -12.38 4.27
CA LEU A 111 -1.00 -12.51 2.80
C LEU A 111 -0.56 -13.91 2.35
N LYS A 112 0.30 -14.55 3.13
CA LYS A 112 0.70 -15.93 2.83
C LYS A 112 -0.49 -16.84 2.96
N GLU A 113 -1.25 -16.70 4.04
CA GLU A 113 -2.44 -17.54 4.25
C GLU A 113 -3.48 -17.35 3.15
N ALA A 114 -3.65 -16.12 2.67
CA ALA A 114 -4.75 -15.83 1.75
C ALA A 114 -4.37 -16.02 0.29
N ILE A 115 -3.12 -15.77 -0.06
CA ILE A 115 -2.77 -15.78 -1.48
C ILE A 115 -1.56 -16.63 -1.80
N ILE A 116 -0.47 -16.46 -1.06
CA ILE A 116 0.77 -17.14 -1.48
C ILE A 116 0.71 -18.65 -1.26
N TYR A 117 0.31 -19.08 -0.05
CA TYR A 117 0.18 -20.52 0.20
C TYR A 117 -0.82 -21.21 -0.74
N PRO A 118 -2.05 -20.67 -0.89
CA PRO A 118 -2.92 -21.40 -1.78
C PRO A 118 -2.55 -21.30 -3.27
N SER A 119 -1.81 -20.29 -3.68
CA SER A 119 -1.36 -20.21 -5.06
C SER A 119 -0.30 -21.26 -5.28
N LYS A 120 0.63 -21.43 -4.33
CA LYS A 120 1.70 -22.43 -4.40
C LYS A 120 1.17 -23.85 -4.25
N ARG A 121 0.22 -24.05 -3.33
CA ARG A 121 -0.34 -25.40 -3.07
C ARG A 121 -1.85 -25.47 -2.96
N PRO A 122 -2.56 -25.32 -4.10
CA PRO A 122 -4.01 -25.32 -4.09
C PRO A 122 -4.57 -26.63 -3.57
N ASP A 123 -3.79 -27.70 -3.67
CA ASP A 123 -4.26 -28.99 -3.20
C ASP A 123 -4.38 -29.00 -1.64
N LEU A 124 -3.73 -28.04 -0.97
CA LEU A 124 -3.75 -27.94 0.51
C LEU A 124 -4.87 -27.06 1.03
N PHE A 125 -5.76 -26.64 0.11
CA PHE A 125 -6.92 -25.85 0.48
C PHE A 125 -8.20 -26.41 -0.07
N PRO A 126 -8.58 -27.62 0.38
CA PRO A 126 -9.72 -28.33 -0.21
C PRO A 126 -11.04 -27.71 0.24
N LEU A 127 -11.02 -26.95 1.32
CA LEU A 127 -12.22 -26.24 1.79
C LEU A 127 -12.34 -24.86 1.11
N GLY A 128 -11.39 -24.51 0.26
CA GLY A 128 -11.48 -23.28 -0.53
C GLY A 128 -10.69 -22.15 0.10
N TRP A 129 -10.69 -21.01 -0.57
CA TRP A 129 -9.98 -19.85 -0.09
C TRP A 129 -10.46 -18.60 -0.80
N PRO A 130 -10.37 -17.44 -0.12
CA PRO A 130 -10.86 -16.16 -0.63
C PRO A 130 -10.08 -15.70 -1.84
N ARG A 131 -10.76 -15.14 -2.84
CA ARG A 131 -10.11 -14.45 -3.94
C ARG A 131 -10.06 -12.91 -3.81
N GLY A 132 -10.77 -12.37 -2.83
CA GLY A 132 -10.88 -10.91 -2.58
C GLY A 132 -10.17 -10.58 -1.27
N ILE A 133 -9.04 -9.89 -1.41
CA ILE A 133 -8.26 -9.44 -0.26
C ILE A 133 -8.36 -7.89 -0.19
N LEU A 134 -8.78 -7.37 0.95
CA LEU A 134 -8.88 -5.95 1.17
C LEU A 134 -7.71 -5.53 2.05
N LEU A 135 -6.84 -4.68 1.52
CA LEU A 135 -5.83 -4.03 2.36
C LEU A 135 -6.36 -2.68 2.79
N TYR A 136 -6.44 -2.43 4.09
CA TYR A 136 -7.00 -1.17 4.54
C TYR A 136 -6.16 -0.57 5.61
N GLY A 137 -6.25 0.74 5.73
CA GLY A 137 -5.54 1.49 6.75
C GLY A 137 -5.13 2.87 6.26
N PRO A 138 -4.35 3.59 7.10
CA PRO A 138 -4.00 4.99 6.81
C PRO A 138 -3.22 5.11 5.50
N PRO A 139 -3.44 6.20 4.75
CA PRO A 139 -2.74 6.33 3.47
C PRO A 139 -1.23 6.54 3.66
N GLY A 140 -0.48 6.12 2.64
CA GLY A 140 0.94 6.36 2.56
C GLY A 140 1.72 5.35 3.38
N ASN A 141 1.22 4.11 3.43
CA ASN A 141 1.89 3.06 4.19
C ASN A 141 2.24 1.75 3.43
N GLY A 142 2.32 1.84 2.12
CA GLY A 142 2.89 0.79 1.31
C GLY A 142 1.89 -0.27 0.86
N LYS A 143 0.61 0.07 0.77
CA LYS A 143 -0.38 -0.94 0.34
C LYS A 143 -0.05 -1.43 -1.09
N THR A 144 0.25 -0.48 -1.97
CA THR A 144 0.61 -0.80 -3.35
C THR A 144 1.84 -1.69 -3.47
N MET A 145 2.89 -1.32 -2.74
CA MET A 145 4.11 -2.11 -2.72
C MET A 145 3.89 -3.54 -2.15
N LEU A 146 3.10 -3.68 -1.07
CA LEU A 146 2.73 -5.01 -0.57
C LEU A 146 2.06 -5.85 -1.66
N ALA A 147 1.12 -5.25 -2.36
CA ALA A 147 0.43 -5.98 -3.40
C ALA A 147 1.37 -6.46 -4.54
N ALA A 148 2.29 -5.59 -4.97
CA ALA A 148 3.33 -5.92 -5.96
C ALA A 148 4.27 -6.99 -5.46
N ALA A 149 4.65 -6.88 -4.19
CA ALA A 149 5.48 -7.90 -3.59
C ALA A 149 4.80 -9.29 -3.57
N VAL A 150 3.50 -9.35 -3.28
CA VAL A 150 2.75 -10.61 -3.34
C VAL A 150 2.84 -11.23 -4.77
N ALA A 151 2.61 -10.40 -5.78
CA ALA A 151 2.66 -10.88 -7.17
C ALA A 151 4.02 -11.48 -7.51
N ASN A 152 5.10 -10.88 -6.99
CA ASN A 152 6.43 -11.42 -7.14
C ASN A 152 6.63 -12.76 -6.43
N GLU A 153 6.14 -12.88 -5.19
CA GLU A 153 6.20 -14.13 -4.44
C GLU A 153 5.52 -15.30 -5.15
N ILE A 154 4.46 -15.03 -5.90
CA ILE A 154 3.72 -16.12 -6.55
C ILE A 154 3.93 -16.13 -8.07
N ASP A 155 4.88 -15.32 -8.56
CA ASP A 155 5.10 -15.13 -10.01
C ASP A 155 3.79 -14.94 -10.81
N SER A 156 3.10 -13.89 -10.43
CA SER A 156 1.79 -13.63 -10.90
C SER A 156 1.88 -12.58 -11.97
N TYR A 157 0.87 -12.50 -12.83
CA TYR A 157 0.66 -11.28 -13.53
C TYR A 157 0.10 -10.28 -12.51
N PHE A 158 0.44 -9.01 -12.70
CA PHE A 158 -0.01 -7.93 -11.85
C PHE A 158 -0.68 -6.87 -12.72
N ILE A 159 -1.97 -6.69 -12.54
CA ILE A 159 -2.71 -5.64 -13.25
C ILE A 159 -3.11 -4.52 -12.27
N HIS A 160 -2.45 -3.37 -12.41
CA HIS A 160 -2.63 -2.22 -11.52
C HIS A 160 -3.76 -1.32 -12.05
N VAL A 161 -4.83 -1.19 -11.27
CA VAL A 161 -6.03 -0.46 -11.63
C VAL A 161 -6.20 0.65 -10.62
N ASP A 162 -6.51 1.84 -11.10
CA ASP A 162 -6.93 2.90 -10.17
C ASP A 162 -8.42 3.15 -10.32
N ALA A 163 -9.14 2.97 -9.23
CA ALA A 163 -10.60 3.08 -9.28
C ALA A 163 -11.08 4.48 -9.69
N ALA A 164 -10.36 5.53 -9.30
CA ALA A 164 -10.80 6.90 -9.62
C ALA A 164 -10.76 7.17 -11.12
N SER A 165 -9.82 6.53 -11.80
CA SER A 165 -9.70 6.64 -13.24
C SER A 165 -10.80 5.84 -13.96
N ILE A 166 -11.19 4.69 -13.41
CA ILE A 166 -12.32 3.94 -13.95
C ILE A 166 -13.63 4.73 -13.76
N MET A 167 -13.79 5.38 -12.62
CA MET A 167 -15.03 6.09 -12.32
C MET A 167 -15.22 7.40 -13.10
N SER A 168 -14.19 7.86 -13.82
CA SER A 168 -14.33 9.09 -14.60
C SER A 168 -14.42 8.85 -16.12
N LYS A 169 -14.63 7.59 -16.52
CA LYS A 169 -14.92 7.25 -17.92
C LYS A 169 -16.38 7.46 -18.27
N GLY A 172 -20.98 3.51 -19.41
CA GLY A 172 -20.28 3.80 -20.65
C GLY A 172 -18.99 3.00 -20.79
N GLU A 173 -17.90 3.71 -20.97
CA GLU A 173 -16.55 3.14 -21.11
C GLU A 173 -16.17 2.31 -19.86
N ALA A 174 -16.86 2.56 -18.75
CA ALA A 174 -16.49 2.08 -17.42
C ALA A 174 -16.81 0.60 -17.20
N GLU A 175 -18.06 0.22 -17.47
CA GLU A 175 -18.49 -1.18 -17.42
C GLU A 175 -17.64 -2.01 -18.34
N LYS A 176 -17.39 -1.50 -19.55
CA LYS A 176 -16.56 -2.18 -20.53
C LYS A 176 -15.13 -2.42 -19.98
N ASN A 177 -14.56 -1.38 -19.36
CA ASN A 177 -13.24 -1.41 -18.74
C ASN A 177 -13.17 -2.43 -17.59
N VAL A 178 -14.18 -2.47 -16.72
CA VAL A 178 -14.22 -3.46 -15.65
C VAL A 178 -14.20 -4.87 -16.25
N ALA A 179 -15.08 -5.11 -17.23
CA ALA A 179 -15.18 -6.41 -17.88
C ALA A 179 -13.85 -6.76 -18.51
N LYS A 180 -13.22 -5.81 -19.18
CA LYS A 180 -11.94 -6.07 -19.85
C LYS A 180 -10.77 -6.35 -18.88
N ILE A 181 -10.84 -5.77 -17.69
CA ILE A 181 -9.77 -6.02 -16.70
C ILE A 181 -9.86 -7.49 -16.24
N PHE A 182 -11.05 -7.90 -15.82
CA PHE A 182 -11.25 -9.28 -15.37
C PHE A 182 -11.04 -10.32 -16.46
N ASN A 183 -11.33 -9.97 -17.71
CA ASN A 183 -11.19 -10.94 -18.80
C ASN A 183 -9.77 -11.06 -19.26
N THR A 184 -9.02 -9.98 -19.13
CA THR A 184 -7.59 -10.01 -19.38
C THR A 184 -6.94 -10.88 -18.31
N ALA A 185 -7.35 -10.68 -17.05
CA ALA A 185 -6.82 -11.46 -15.94
C ALA A 185 -7.06 -12.96 -16.21
N ARG A 186 -8.32 -13.34 -16.42
CA ARG A 186 -8.70 -14.72 -16.76
C ARG A 186 -7.90 -15.29 -17.95
N GLU A 187 -7.97 -14.62 -19.09
CA GLU A 187 -7.31 -15.14 -20.30
C GLU A 187 -5.80 -15.30 -20.14
N TYR A 188 -5.10 -14.35 -19.52
CA TYR A 188 -3.67 -14.52 -19.33
C TYR A 188 -3.33 -15.61 -18.27
N SER A 189 -4.18 -15.73 -17.27
CA SER A 189 -3.95 -16.71 -16.24
C SER A 189 -4.02 -18.12 -16.83
N LYS A 190 -5.10 -18.39 -17.58
CA LYS A 190 -5.31 -19.70 -18.22
C LYS A 190 -4.29 -19.97 -19.31
N LYS A 191 -4.08 -19.02 -20.21
CA LYS A 191 -3.09 -19.15 -21.30
C LYS A 191 -1.64 -19.40 -20.82
N ASP A 192 -1.26 -18.93 -19.63
CA ASP A 192 0.14 -19.08 -19.20
C ASP A 192 0.39 -19.96 -17.95
N ASN A 193 -0.66 -20.59 -17.44
CA ASN A 193 -0.56 -21.40 -16.21
C ASN A 193 0.13 -20.62 -15.05
N LYS A 194 -0.48 -19.53 -14.63
CA LYS A 194 0.19 -18.52 -13.81
C LYS A 194 -0.95 -17.75 -13.16
N PRO A 195 -0.86 -17.43 -11.84
CA PRO A 195 -1.94 -16.60 -11.25
C PRO A 195 -1.93 -15.18 -11.82
N ALA A 196 -3.06 -14.49 -11.68
CA ALA A 196 -3.14 -13.09 -11.99
C ALA A 196 -3.74 -12.35 -10.81
N ILE A 197 -3.13 -11.23 -10.45
CA ILE A 197 -3.63 -10.32 -9.41
C ILE A 197 -4.08 -8.99 -10.02
N ILE A 198 -5.33 -8.67 -9.78
CA ILE A 198 -5.90 -7.37 -10.09
C ILE A 198 -5.79 -6.54 -8.83
N PHE A 199 -4.96 -5.49 -8.89
CA PHE A 199 -4.86 -4.58 -7.78
C PHE A 199 -5.71 -3.33 -8.04
N VAL A 200 -6.66 -3.07 -7.16
CA VAL A 200 -7.53 -1.91 -7.32
C VAL A 200 -7.24 -0.90 -6.24
N ASP A 201 -6.53 0.16 -6.63
CA ASP A 201 -6.20 1.20 -5.70
C ASP A 201 -7.43 2.07 -5.45
N GLU A 202 -7.60 2.54 -4.21
CA GLU A 202 -8.74 3.39 -3.86
C GLU A 202 -10.09 2.74 -4.24
N ILE A 203 -10.22 1.45 -3.91
CA ILE A 203 -11.38 0.66 -4.31
C ILE A 203 -12.72 1.27 -3.86
N ASP A 204 -12.76 1.93 -2.71
CA ASP A 204 -13.95 2.68 -2.32
C ASP A 204 -14.47 3.69 -3.36
N ALA A 205 -13.63 4.13 -4.30
CA ALA A 205 -14.10 5.04 -5.35
C ALA A 205 -15.16 4.42 -6.25
N LEU A 206 -15.17 3.08 -6.33
CA LEU A 206 -16.25 2.37 -7.05
C LEU A 206 -17.60 2.53 -6.34
N LEU A 207 -17.57 3.08 -5.13
CA LEU A 207 -18.73 3.17 -4.20
C LEU A 207 -19.33 1.82 -3.88
N VAL A 218 -24.13 3.32 -9.34
CA VAL A 218 -24.08 1.92 -8.89
C VAL A 218 -23.81 0.92 -10.02
N ARG A 219 -23.84 1.38 -11.27
CA ARG A 219 -23.61 0.49 -12.41
C ARG A 219 -22.21 -0.16 -12.43
N VAL A 220 -21.18 0.62 -12.09
CA VAL A 220 -19.81 0.09 -12.01
C VAL A 220 -19.65 -0.87 -10.81
N ARG A 221 -20.12 -0.46 -9.63
CA ARG A 221 -20.22 -1.31 -8.44
C ARG A 221 -20.80 -2.69 -8.73
N ASN A 222 -21.97 -2.73 -9.38
CA ASN A 222 -22.66 -3.99 -9.73
C ASN A 222 -21.87 -4.83 -10.73
N GLN A 223 -21.39 -4.23 -11.81
CA GLN A 223 -20.56 -4.97 -12.76
C GLN A 223 -19.31 -5.55 -12.06
N PHE A 224 -18.76 -4.79 -11.12
CA PHE A 224 -17.52 -5.20 -10.47
C PHE A 224 -17.78 -6.45 -9.62
N LEU A 225 -18.81 -6.38 -8.77
CA LEU A 225 -19.21 -7.47 -7.90
C LEU A 225 -19.59 -8.75 -8.65
N LYS A 226 -20.20 -8.61 -9.82
CA LYS A 226 -20.52 -9.75 -10.66
C LYS A 226 -19.25 -10.43 -11.15
N GLU A 227 -18.22 -9.64 -11.43
CA GLU A 227 -16.95 -10.26 -11.86
C GLU A 227 -16.24 -10.93 -10.68
N MET A 228 -16.35 -10.35 -9.49
CA MET A 228 -15.85 -10.96 -8.25
C MET A 228 -16.50 -12.32 -8.00
N ASP A 229 -17.84 -12.37 -8.09
CA ASP A 229 -18.58 -13.63 -7.96
C ASP A 229 -18.14 -14.68 -8.99
N GLY A 230 -17.75 -14.22 -10.18
CA GLY A 230 -17.36 -15.07 -11.29
C GLY A 230 -15.99 -15.73 -11.18
N ILE A 231 -15.05 -15.08 -10.48
CA ILE A 231 -13.70 -15.63 -10.32
C ILE A 231 -13.67 -16.49 -9.07
N MET A 232 -14.80 -16.50 -8.34
CA MET A 232 -14.97 -17.22 -7.09
C MET A 232 -15.58 -18.61 -7.30
N MET A 239 -7.48 -19.11 -11.30
CA MET A 239 -6.60 -18.51 -10.30
C MET A 239 -6.42 -16.95 -10.47
N VAL A 240 -7.49 -16.21 -10.20
CA VAL A 240 -7.45 -14.73 -10.24
C VAL A 240 -7.74 -14.20 -8.85
N TYR A 241 -6.93 -13.25 -8.39
CA TYR A 241 -7.23 -12.57 -7.13
C TYR A 241 -7.54 -11.12 -7.37
N VAL A 242 -8.34 -10.54 -6.49
CA VAL A 242 -8.46 -9.08 -6.48
C VAL A 242 -7.99 -8.59 -5.13
N ILE A 243 -6.95 -7.77 -5.15
CA ILE A 243 -6.53 -7.04 -3.95
C ILE A 243 -7.06 -5.61 -4.08
N GLY A 244 -7.94 -5.23 -3.17
CA GLY A 244 -8.43 -3.86 -3.11
C GLY A 244 -7.77 -3.09 -1.98
N ALA A 245 -7.40 -1.84 -2.24
CA ALA A 245 -6.73 -1.00 -1.26
C ALA A 245 -7.65 0.17 -0.94
N THR A 246 -7.79 0.48 0.34
CA THR A 246 -8.60 1.62 0.73
C THR A 246 -8.09 2.24 2.01
N ASN A 247 -8.16 3.56 2.11
CA ASN A 247 -7.98 4.11 3.43
C ASN A 247 -9.30 4.63 4.03
N LYS A 248 -10.39 4.32 3.33
CA LYS A 248 -11.76 4.61 3.82
C LYS A 248 -12.67 3.37 3.80
N PRO A 249 -12.35 2.37 4.64
CA PRO A 249 -13.06 1.08 4.55
C PRO A 249 -14.54 1.18 4.96
N TRP A 250 -14.85 2.13 5.84
CA TRP A 250 -16.26 2.50 6.16
C TRP A 250 -17.08 2.91 4.93
N ARG A 251 -16.44 3.36 3.86
CA ARG A 251 -17.22 3.66 2.65
C ARG A 251 -17.79 2.42 1.92
N LEU A 252 -17.30 1.22 2.27
CA LEU A 252 -17.75 -0.01 1.63
C LEU A 252 -18.92 -0.59 2.42
N ASP A 253 -20.01 -0.84 1.72
CA ASP A 253 -21.22 -1.42 2.34
C ASP A 253 -20.99 -2.91 2.56
N GLU A 254 -21.69 -3.50 3.53
CA GLU A 254 -21.60 -4.93 3.81
C GLU A 254 -21.73 -5.91 2.59
N PRO A 255 -22.69 -5.68 1.67
CA PRO A 255 -22.69 -6.56 0.49
C PRO A 255 -21.39 -6.52 -0.30
N PHE A 256 -20.82 -5.33 -0.42
CA PHE A 256 -19.56 -5.18 -1.13
C PHE A 256 -18.47 -5.96 -0.41
N LEU A 257 -18.39 -5.78 0.90
CA LEU A 257 -17.41 -6.43 1.77
C LEU A 257 -17.46 -7.96 1.79
N ARG A 258 -18.62 -8.52 1.44
CA ARG A 258 -18.78 -9.98 1.42
C ARG A 258 -17.93 -10.63 0.33
N ARG A 259 -17.57 -9.88 -0.71
CA ARG A 259 -16.64 -10.41 -1.71
C ARG A 259 -15.17 -10.33 -1.30
N PHE A 260 -14.92 -9.73 -0.13
CA PHE A 260 -13.56 -9.58 0.41
C PHE A 260 -13.50 -10.22 1.78
N GLN A 261 -13.20 -11.51 1.76
CA GLN A 261 -13.28 -12.33 2.96
C GLN A 261 -11.97 -12.30 3.70
N LYS A 262 -10.93 -11.73 3.10
CA LYS A 262 -9.73 -11.47 3.86
C LYS A 262 -9.53 -9.96 3.93
N ARG A 263 -9.46 -9.44 5.16
CA ARG A 263 -9.33 -8.01 5.38
C ARG A 263 -8.09 -7.79 6.22
N ILE A 264 -7.11 -7.05 5.70
CA ILE A 264 -5.86 -6.93 6.41
C ILE A 264 -5.58 -5.45 6.69
N TYR A 265 -5.34 -5.12 7.95
CA TYR A 265 -4.98 -3.77 8.37
C TYR A 265 -3.51 -3.54 8.07
N VAL A 266 -3.18 -2.51 7.30
CA VAL A 266 -1.76 -2.15 7.07
C VAL A 266 -1.41 -0.95 8.00
N PRO A 267 -0.56 -1.13 9.02
CA PRO A 267 -0.44 -0.07 10.01
C PRO A 267 0.59 1.00 9.66
N LEU A 268 0.62 2.08 10.43
CA LEU A 268 1.72 3.03 10.41
C LEU A 268 2.98 2.27 10.71
N PRO A 269 4.13 2.74 10.20
CA PRO A 269 5.34 1.99 10.46
C PRO A 269 5.80 2.09 11.91
N ASP A 270 6.41 1.01 12.39
CA ASP A 270 6.91 0.91 13.75
C ASP A 270 8.37 1.33 13.70
N PHE A 271 9.04 1.22 14.83
CA PHE A 271 10.40 1.71 14.91
C PHE A 271 11.32 1.14 13.85
N ASN A 272 11.36 -0.19 13.75
CA ASN A 272 12.26 -0.82 12.79
C ASN A 272 11.98 -0.43 11.33
N GLN A 273 10.72 -0.26 11.00
CA GLN A 273 10.35 0.16 9.65
C GLN A 273 10.75 1.62 9.35
N ARG A 274 10.53 2.48 10.33
CA ARG A 274 10.90 3.91 10.23
C ARG A 274 12.39 4.04 10.01
N LEU A 275 13.13 3.27 10.76
CA LEU A 275 14.58 3.29 10.64
C LEU A 275 15.06 2.87 9.23
N ALA A 276 14.51 1.75 8.74
CA ALA A 276 14.79 1.30 7.37
C ALA A 276 14.32 2.33 6.33
N LEU A 277 13.20 3.00 6.58
CA LEU A 277 12.76 4.06 5.66
C LEU A 277 13.75 5.26 5.60
N PHE A 278 14.21 5.69 6.78
CA PHE A 278 15.21 6.77 6.83
C PHE A 278 16.52 6.36 6.17
N LYS A 279 16.96 5.12 6.42
CA LYS A 279 18.18 4.62 5.80
C LYS A 279 18.02 4.67 4.28
N TYR A 280 16.89 4.18 3.78
CA TYR A 280 16.64 4.17 2.33
C TYR A 280 16.58 5.59 1.71
N TYR A 281 15.68 6.44 2.20
CA TYR A 281 15.60 7.81 1.70
C TYR A 281 16.83 8.67 1.91
N THR A 282 17.49 8.58 3.08
CA THR A 282 18.68 9.39 3.24
C THR A 282 19.93 8.87 2.51
N SER A 283 19.93 7.62 2.06
CA SER A 283 21.12 7.13 1.30
C SER A 283 21.30 7.94 0.01
N LYS A 284 20.28 8.70 -0.35
CA LYS A 284 20.34 9.49 -1.58
C LYS A 284 20.87 10.91 -1.37
N VAL A 285 21.08 11.28 -0.10
CA VAL A 285 21.49 12.64 0.22
C VAL A 285 22.74 12.63 1.11
N LYS A 286 23.35 13.79 1.29
CA LYS A 286 24.55 13.90 2.08
C LYS A 286 24.16 14.33 3.48
N LEU A 287 24.36 13.44 4.46
CA LEU A 287 24.08 13.70 5.87
C LEU A 287 25.32 14.04 6.65
N GLY A 288 25.19 14.93 7.62
CA GLY A 288 26.26 15.11 8.59
C GLY A 288 26.18 14.01 9.63
N ASN A 289 26.46 14.40 10.87
CA ASN A 289 26.44 13.49 12.04
C ASN A 289 24.99 13.28 12.48
N VAL A 290 24.21 12.54 11.71
CA VAL A 290 22.79 12.42 12.00
C VAL A 290 22.55 10.99 12.43
N ASP A 291 22.01 10.82 13.63
CA ASP A 291 21.78 9.47 14.12
C ASP A 291 20.41 8.99 13.60
N LEU A 292 20.40 8.05 12.65
CA LEU A 292 19.10 7.62 12.08
C LEU A 292 18.18 6.92 13.08
N GLN A 293 18.76 6.28 14.10
CA GLN A 293 17.92 5.68 15.16
C GLN A 293 17.13 6.71 15.92
N GLU A 294 17.72 7.89 16.14
CA GLU A 294 16.99 8.97 16.85
C GLU A 294 15.92 9.61 15.98
N LEU A 295 16.20 9.78 14.68
CA LEU A 295 15.15 10.21 13.74
C LEU A 295 14.00 9.23 13.75
N ALA A 296 14.29 7.93 13.75
CA ALA A 296 13.19 6.95 13.85
C ALA A 296 12.43 7.05 15.18
N LYS A 297 13.14 7.26 16.31
CA LYS A 297 12.42 7.45 17.61
C LYS A 297 11.50 8.64 17.59
N MET A 298 11.93 9.72 16.93
CA MET A 298 11.20 10.99 16.95
C MET A 298 10.01 10.98 16.07
N THR A 299 9.86 9.93 15.25
CA THR A 299 8.84 9.95 14.21
C THR A 299 7.73 8.95 14.40
N GLU A 300 7.54 8.53 15.65
CA GLU A 300 6.44 7.64 15.98
C GLU A 300 5.17 8.33 15.57
N GLY A 301 4.30 7.63 14.85
CA GLY A 301 3.08 8.26 14.34
C GLY A 301 3.13 8.78 12.90
N TYR A 302 4.31 8.94 12.34
CA TYR A 302 4.38 9.41 10.96
C TYR A 302 4.25 8.17 10.04
N SER A 303 3.70 8.39 8.84
CA SER A 303 3.52 7.35 7.86
C SER A 303 4.79 7.17 7.01
N ALA A 304 4.89 6.09 6.23
CA ALA A 304 6.02 5.96 5.26
C ALA A 304 6.17 7.14 4.33
N SER A 305 5.07 7.64 3.81
CA SER A 305 5.18 8.76 2.88
C SER A 305 5.48 10.10 3.60
N ASP A 306 5.07 10.26 4.87
CA ASP A 306 5.46 11.42 5.68
C ASP A 306 6.99 11.39 5.79
N ILE A 307 7.56 10.21 6.04
CA ILE A 307 9.01 10.07 6.20
C ILE A 307 9.78 10.48 4.93
N ARG A 308 9.31 10.03 3.79
CA ARG A 308 9.88 10.48 2.51
C ARG A 308 9.81 11.99 2.38
N ASP A 309 8.64 12.58 2.67
CA ASP A 309 8.45 14.03 2.74
C ASP A 309 9.37 14.78 3.75
N ILE A 310 9.63 14.20 4.89
CA ILE A 310 10.53 14.79 5.86
C ILE A 310 11.94 14.87 5.25
N VAL A 311 12.43 13.78 4.66
CA VAL A 311 13.77 13.77 4.08
C VAL A 311 13.87 14.79 2.92
N GLN A 312 12.87 14.79 2.06
CA GLN A 312 12.79 15.75 0.94
C GLN A 312 12.83 17.20 1.46
N SER A 313 12.11 17.46 2.55
CA SER A 313 12.03 18.81 3.09
C SER A 313 13.36 19.19 3.76
N ALA A 314 13.99 18.24 4.47
CA ALA A 314 15.28 18.53 5.09
C ALA A 314 16.34 18.81 4.00
N HIS A 315 16.32 18.00 2.95
CA HIS A 315 17.20 18.28 1.78
C HIS A 315 16.94 19.63 1.09
N MET A 316 15.67 19.96 0.95
CA MET A 316 15.28 21.24 0.42
C MET A 316 15.84 22.41 1.23
N ARG A 317 15.85 22.32 2.58
CA ARG A 317 16.54 23.34 3.37
C ARG A 317 17.98 23.61 2.94
N VAL A 318 18.78 22.58 2.76
CA VAL A 318 20.18 22.81 2.39
C VAL A 318 20.35 23.27 0.94
N VAL A 319 19.46 22.82 0.06
CA VAL A 319 19.51 23.20 -1.37
C VAL A 319 19.17 24.68 -1.52
N LYS A 320 18.12 25.08 -0.81
CA LYS A 320 17.66 26.46 -0.81
C LYS A 320 18.80 27.39 -0.27
N GLU A 321 19.45 26.97 0.83
CA GLU A 321 20.62 27.72 1.36
C GLU A 321 21.74 27.81 0.34
N MET A 322 22.05 26.69 -0.33
CA MET A 322 23.07 26.67 -1.36
C MET A 322 22.79 27.71 -2.45
N PHE A 323 21.57 27.76 -2.98
CA PHE A 323 21.24 28.76 -3.99
C PHE A 323 21.28 30.19 -3.43
N GLU A 324 20.74 30.39 -2.23
CA GLU A 324 20.69 31.74 -1.67
C GLU A 324 22.08 32.27 -1.37
N LYS A 325 23.00 31.36 -1.06
CA LYS A 325 24.40 31.73 -0.84
C LYS A 325 25.30 31.68 -2.09
N ASN A 326 24.73 31.32 -3.23
CA ASN A 326 25.49 31.05 -4.47
C ASN A 326 26.68 30.11 -4.29
N LEU A 327 26.46 28.97 -3.65
CA LEU A 327 27.50 27.95 -3.46
C LEU A 327 27.20 26.93 -4.54
N SER A 328 28.06 25.92 -4.71
CA SER A 328 27.90 24.92 -5.80
C SER A 328 27.37 23.59 -5.34
N GLU A 329 27.51 23.29 -4.06
CA GLU A 329 26.96 22.07 -3.49
C GLU A 329 26.32 22.38 -2.13
N PRO A 330 25.24 21.67 -1.80
CA PRO A 330 24.63 21.98 -0.50
C PRO A 330 25.55 21.51 0.63
N ARG A 331 25.39 22.10 1.80
CA ARG A 331 26.03 21.54 3.00
C ARG A 331 25.36 20.23 3.41
N GLU A 332 26.04 19.45 4.24
CA GLU A 332 25.48 18.27 4.87
C GLU A 332 24.24 18.62 5.66
N ILE A 333 23.24 17.72 5.62
CA ILE A 333 22.00 17.87 6.35
C ILE A 333 22.33 17.50 7.83
N THR A 334 21.84 18.28 8.79
CA THR A 334 22.18 18.02 10.20
C THR A 334 20.92 17.61 10.97
N MET A 335 21.10 17.15 12.22
CA MET A 335 19.94 16.97 13.09
C MET A 335 19.11 18.23 13.23
N ASP A 336 19.76 19.40 13.28
CA ASP A 336 19.01 20.65 13.37
C ASP A 336 18.03 20.81 12.20
N ASP A 337 18.45 20.40 11.00
CA ASP A 337 17.54 20.49 9.85
C ASP A 337 16.34 19.61 10.03
N PHE A 338 16.56 18.36 10.45
CA PHE A 338 15.43 17.47 10.67
C PHE A 338 14.50 17.98 11.76
N LYS A 339 15.06 18.45 12.85
CA LYS A 339 14.14 18.99 13.90
C LYS A 339 13.36 20.19 13.41
N GLU A 340 13.98 21.07 12.61
CA GLU A 340 13.23 22.22 12.07
C GLU A 340 12.08 21.76 11.16
N VAL A 341 12.33 20.71 10.38
CA VAL A 341 11.26 20.14 9.55
C VAL A 341 10.14 19.56 10.43
N LEU A 342 10.50 18.83 11.48
CA LEU A 342 9.47 18.19 12.34
C LEU A 342 8.63 19.19 13.16
N LYS A 343 9.16 20.39 13.41
CA LYS A 343 8.36 21.47 14.03
C LYS A 343 7.17 21.89 13.16
N ILE A 344 7.34 21.89 11.84
CA ILE A 344 6.32 22.33 10.87
C ILE A 344 5.49 21.16 10.30
N ARG A 345 6.15 20.04 10.01
CA ARG A 345 5.48 18.89 9.40
C ARG A 345 5.03 17.90 10.48
N LYS A 346 3.72 17.84 10.71
CA LYS A 346 3.11 16.94 11.70
C LYS A 346 2.59 15.63 11.03
N PRO A 347 2.36 14.55 11.81
CA PRO A 347 1.86 13.32 11.18
C PRO A 347 0.60 13.62 10.37
N SER A 348 0.46 13.09 9.17
CA SER A 348 -0.73 13.39 8.40
C SER A 348 -1.92 12.49 8.77
N VAL A 349 -1.68 11.54 9.66
CA VAL A 349 -2.73 10.67 10.23
C VAL A 349 -2.82 10.95 11.73
N ASN A 350 -3.93 11.51 12.18
CA ASN A 350 -4.07 11.83 13.62
C ASN A 350 -4.79 10.72 14.41
N GLN A 351 -4.93 10.92 15.73
CA GLN A 351 -5.58 9.94 16.63
C GLN A 351 -7.01 9.58 16.21
N GLU A 352 -7.78 10.58 15.78
CA GLU A 352 -9.15 10.38 15.35
C GLU A 352 -9.25 9.35 14.25
N LEU A 353 -8.47 9.56 13.18
CA LEU A 353 -8.49 8.66 12.05
C LEU A 353 -8.09 7.23 12.43
N LEU A 354 -7.11 7.09 13.32
CA LEU A 354 -6.63 5.77 13.81
C LEU A 354 -7.69 5.00 14.61
N LYS A 355 -8.43 5.72 15.44
CA LYS A 355 -9.53 5.11 16.20
C LYS A 355 -10.66 4.70 15.26
N ALA A 356 -10.86 5.42 14.16
CA ALA A 356 -11.82 4.98 13.15
C ALA A 356 -11.42 3.63 12.57
N TYR A 357 -10.12 3.39 12.32
CA TYR A 357 -9.68 2.08 11.82
C TYR A 357 -9.92 0.96 12.83
N GLU A 358 -9.57 1.17 14.11
CA GLU A 358 -9.86 0.23 15.20
C GLU A 358 -11.36 -0.09 15.33
N ALA A 359 -12.20 0.94 15.29
CA ALA A 359 -13.66 0.77 15.36
C ALA A 359 -14.17 -0.05 14.17
N TRP A 360 -13.74 0.30 12.96
CA TRP A 360 -14.13 -0.50 11.80
C TRP A 360 -13.66 -1.95 11.89
N THR A 361 -12.45 -2.19 12.38
CA THR A 361 -11.88 -3.53 12.55
C THR A 361 -12.67 -4.40 13.53
N GLU A 362 -12.87 -3.89 14.75
CA GLU A 362 -13.69 -4.62 15.73
C GLU A 362 -15.10 -4.87 15.19
N LYS A 363 -15.68 -3.90 14.49
CA LYS A 363 -16.98 -4.09 13.83
C LYS A 363 -16.92 -5.13 12.70
N PHE A 364 -15.79 -5.22 12.00
CA PHE A 364 -15.66 -6.10 10.83
C PHE A 364 -14.41 -6.98 10.87
#